data_1CY1
#
_entry.id   1CY1
#
_cell.length_a   62.860
_cell.length_b   77.800
_cell.length_c   138.660
_cell.angle_alpha   90.00
_cell.angle_beta   90.00
_cell.angle_gamma   90.00
#
_symmetry.space_group_name_H-M   'P 21 21 21'
#
loop_
_entity.id
_entity.type
_entity.pdbx_description
1 polymer 'DNA TOPOISOMERASE I'
2 non-polymer 'PHOSPHATE ION'
3 non-polymer "THYMIDINE-5'-PHOSPHATE"
4 non-polymer "THYMIDINE-3',5'-DIPHOSPHATE"
5 water water
#
_entity_poly.entity_id   1
_entity_poly.type   'polypeptide(L)'
_entity_poly.pdbx_seq_one_letter_code
;GSMGKALVIVESPAKAKTINKYLGSDYVVKSSVGHIRDLPTSGSAAKKSADSTSTKTAKKPKKDERGALVNRMGVDPWHN
WEAHYEVLPGKEKVVSELKQLAEKADHIYLATDLDREGEAIAWHLREVIGGDDARYSRVVFNEITKNAIRQAFNKPGELN
IDRVNAQQARRFMDRVVGYMVSPLLWKKIARGLSAGRVQSVAVRLVVEREREIKAFVPEEFWEVDASTTTPSGEALALQV
THQNDKPFRPVNKEQTQAAVSLLEKARYSVLEREDKPTTSKPGAPFITSTLQQAASTRLGFGVKKTMMMAQRLYEAGYIT
YMRTDSTNLSQDAVNMVRGYISDNFGKKYLPESPNQYASKENSQEAHEAIRPSDVNVMAESLKDMEADAQKLYQLIWRQF
VACQMTPAKYDSTTLTVGAGDFRLKARGRILRFDGWTKVMPALRKGDEDRILPAVNKGDALTLVELTPAQHFTKPPARFS
EASLVKELEKRGIGRPSTYASIISTIQDRGYVRVENRRFYAEKMGEIVTDRLEENFRELMNYDFTAQMENSLDQVANHEA
EWKAVLDHFFSDFTQQLDKAEKDPEEGGMRPNQMVLTSI
;
_entity_poly.pdbx_strand_id   A
#
# COMPACT_ATOMS: atom_id res chain seq x y z
N GLY A 4 -8.83 -41.97 -12.29
CA GLY A 4 -10.08 -41.17 -12.13
C GLY A 4 -9.95 -40.13 -11.04
N LYS A 5 -8.71 -39.75 -10.73
CA LYS A 5 -8.44 -38.76 -9.69
C LYS A 5 -8.82 -37.35 -10.11
N ALA A 6 -8.82 -36.44 -9.15
CA ALA A 6 -9.14 -35.05 -9.42
C ALA A 6 -7.89 -34.29 -9.83
N LEU A 7 -8.05 -33.29 -10.69
CA LEU A 7 -6.92 -32.49 -11.14
C LEU A 7 -6.97 -31.12 -10.48
N VAL A 8 -5.86 -30.72 -9.85
CA VAL A 8 -5.78 -29.42 -9.20
C VAL A 8 -4.74 -28.59 -9.93
N ILE A 9 -5.15 -27.41 -10.39
CA ILE A 9 -4.25 -26.53 -11.12
C ILE A 9 -3.96 -25.24 -10.36
N VAL A 10 -2.68 -24.93 -10.26
CA VAL A 10 -2.22 -23.72 -9.60
C VAL A 10 -1.30 -23.05 -10.60
N GLU A 11 -0.91 -21.81 -10.33
CA GLU A 11 -0.06 -21.09 -11.27
C GLU A 11 1.44 -21.14 -11.10
N SER A 12 1.93 -21.80 -10.05
CA SER A 12 3.37 -21.89 -9.88
C SER A 12 3.80 -23.18 -9.20
N PRO A 13 5.03 -23.63 -9.47
CA PRO A 13 5.56 -24.86 -8.87
C PRO A 13 5.57 -24.77 -7.35
N ALA A 14 6.08 -23.65 -6.85
CA ALA A 14 6.16 -23.42 -5.41
C ALA A 14 4.80 -23.64 -4.74
N LYS A 15 3.75 -23.04 -5.29
CA LYS A 15 2.41 -23.19 -4.72
C LYS A 15 1.91 -24.63 -4.87
N ALA A 16 2.36 -25.29 -5.93
CA ALA A 16 1.97 -26.68 -6.19
C ALA A 16 2.53 -27.59 -5.09
N LYS A 17 3.81 -27.41 -4.78
CA LYS A 17 4.46 -28.21 -3.75
C LYS A 17 3.75 -28.04 -2.41
N THR A 18 3.48 -26.79 -2.04
CA THR A 18 2.83 -26.52 -0.77
C THR A 18 1.42 -27.09 -0.68
N ILE A 19 0.61 -26.89 -1.70
CA ILE A 19 -0.76 -27.37 -1.66
C ILE A 19 -0.83 -28.89 -1.78
N ASN A 20 0.20 -29.49 -2.35
CA ASN A 20 0.23 -30.94 -2.52
C ASN A 20 0.38 -31.65 -1.19
N LYS A 21 0.85 -30.92 -0.17
CA LYS A 21 1.02 -31.49 1.16
C LYS A 21 -0.32 -31.62 1.85
N TYR A 22 -1.33 -30.91 1.35
CA TYR A 22 -2.63 -30.92 1.98
C TYR A 22 -3.73 -31.58 1.15
N LEU A 23 -3.35 -32.11 0.00
CA LEU A 23 -4.29 -32.77 -0.90
C LEU A 23 -3.97 -34.27 -0.97
N GLY A 24 -4.97 -35.09 -0.71
CA GLY A 24 -4.79 -36.53 -0.75
C GLY A 24 -4.41 -37.06 -2.13
N SER A 25 -4.07 -38.34 -2.18
CA SER A 25 -3.68 -39.00 -3.44
C SER A 25 -4.77 -38.95 -4.50
N ASP A 26 -6.00 -38.64 -4.08
CA ASP A 26 -7.13 -38.54 -5.01
C ASP A 26 -6.96 -37.33 -5.92
N TYR A 27 -6.08 -36.41 -5.51
CA TYR A 27 -5.82 -35.19 -6.26
C TYR A 27 -4.47 -35.24 -6.97
N VAL A 28 -4.41 -34.57 -8.13
CA VAL A 28 -3.19 -34.49 -8.90
C VAL A 28 -2.90 -33.03 -9.16
N VAL A 29 -1.99 -32.47 -8.36
CA VAL A 29 -1.62 -31.07 -8.50
C VAL A 29 -0.69 -30.86 -9.69
N LYS A 30 -0.95 -29.80 -10.44
CA LYS A 30 -0.13 -29.45 -11.58
C LYS A 30 -0.17 -27.94 -11.74
N SER A 31 0.99 -27.31 -11.83
CA SER A 31 1.04 -25.87 -12.01
C SER A 31 1.12 -25.58 -13.50
N SER A 32 0.49 -24.49 -13.91
CA SER A 32 0.49 -24.08 -15.30
C SER A 32 1.73 -23.23 -15.53
N VAL A 33 2.37 -22.84 -14.44
CA VAL A 33 3.58 -22.01 -14.43
C VAL A 33 3.53 -20.85 -15.43
N GLY A 34 2.60 -19.93 -15.18
CA GLY A 34 2.44 -18.78 -16.05
C GLY A 34 0.98 -18.50 -16.34
N HIS A 35 0.71 -17.52 -17.20
CA HIS A 35 -0.65 -17.15 -17.56
C HIS A 35 -1.27 -18.04 -18.64
N ILE A 36 -0.45 -18.86 -19.28
CA ILE A 36 -0.90 -19.77 -20.34
C ILE A 36 -1.36 -19.03 -21.58
N ARG A 37 -2.30 -18.11 -21.41
CA ARG A 37 -2.83 -17.36 -22.53
C ARG A 37 -2.98 -15.89 -22.17
N ASP A 38 -2.98 -15.03 -23.17
CA ASP A 38 -3.11 -13.60 -22.94
C ASP A 38 -3.09 -12.78 -24.24
N LEU A 39 -3.26 -11.48 -24.11
CA LEU A 39 -3.27 -10.57 -25.26
C LEU A 39 -1.88 -10.49 -25.89
N PRO A 40 -1.80 -9.97 -27.14
CA PRO A 40 -0.53 -9.86 -27.85
C PRO A 40 0.59 -9.23 -27.02
N ARG A 66 -8.52 1.15 -37.67
CA ARG A 66 -7.26 0.52 -38.05
C ARG A 66 -7.16 -0.86 -37.40
N GLY A 67 -7.28 -1.89 -38.22
CA GLY A 67 -7.19 -3.24 -37.72
C GLY A 67 -5.82 -3.48 -37.13
N ALA A 68 -4.83 -2.73 -37.64
CA ALA A 68 -3.46 -2.86 -37.18
C ALA A 68 -3.40 -2.60 -35.68
N LEU A 69 -4.10 -1.54 -35.25
CA LEU A 69 -4.14 -1.16 -33.84
C LEU A 69 -4.85 -2.27 -33.05
N VAL A 70 -5.96 -2.76 -33.58
CA VAL A 70 -6.71 -3.81 -32.92
C VAL A 70 -5.86 -5.08 -32.72
N ASN A 71 -5.10 -5.44 -33.74
CA ASN A 71 -4.25 -6.63 -33.65
C ASN A 71 -3.16 -6.45 -32.61
N ARG A 72 -2.54 -5.26 -32.58
CA ARG A 72 -1.50 -4.99 -31.60
C ARG A 72 -2.06 -5.07 -30.19
N MET A 73 -3.27 -4.54 -29.98
CA MET A 73 -3.91 -4.57 -28.66
C MET A 73 -4.49 -5.93 -28.33
N GLY A 74 -5.03 -6.60 -29.34
CA GLY A 74 -5.64 -7.89 -29.11
C GLY A 74 -7.06 -7.70 -28.61
N VAL A 75 -7.51 -6.45 -28.62
CA VAL A 75 -8.85 -6.12 -28.19
C VAL A 75 -9.43 -5.12 -29.19
N ASP A 76 -10.73 -5.22 -29.45
CA ASP A 76 -11.36 -4.34 -30.42
C ASP A 76 -12.45 -3.43 -29.84
N PRO A 77 -12.10 -2.17 -29.57
CA PRO A 77 -13.05 -1.20 -29.01
C PRO A 77 -14.19 -0.90 -29.97
N TRP A 78 -14.02 -1.25 -31.23
CA TRP A 78 -15.07 -0.95 -32.20
C TRP A 78 -15.98 -2.11 -32.52
N HIS A 79 -15.57 -3.31 -32.11
CA HIS A 79 -16.38 -4.50 -32.34
C HIS A 79 -16.79 -5.12 -31.01
N ASN A 80 -17.39 -4.32 -30.15
CA ASN A 80 -17.85 -4.78 -28.85
C ASN A 80 -16.77 -5.46 -28.00
N TRP A 81 -15.56 -4.92 -28.04
CA TRP A 81 -14.46 -5.45 -27.26
C TRP A 81 -14.15 -6.92 -27.46
N GLU A 82 -14.23 -7.35 -28.72
CA GLU A 82 -13.90 -8.72 -29.04
C GLU A 82 -12.40 -8.83 -28.73
N ALA A 83 -12.01 -9.90 -28.06
CA ALA A 83 -10.62 -10.09 -27.70
C ALA A 83 -9.96 -11.18 -28.52
N HIS A 84 -8.63 -11.15 -28.55
CA HIS A 84 -7.84 -12.12 -29.29
C HIS A 84 -6.71 -12.60 -28.41
N TYR A 85 -6.95 -13.68 -27.66
CA TYR A 85 -5.93 -14.24 -26.77
C TYR A 85 -5.19 -15.38 -27.47
N GLU A 86 -3.87 -15.40 -27.32
CA GLU A 86 -3.06 -16.45 -27.92
C GLU A 86 -2.13 -17.00 -26.86
N VAL A 87 -1.90 -18.30 -26.86
CA VAL A 87 -1.02 -18.92 -25.88
C VAL A 87 0.37 -18.31 -25.95
N LEU A 88 0.92 -17.99 -24.78
CA LEU A 88 2.25 -17.40 -24.69
C LEU A 88 3.30 -18.34 -25.25
N PRO A 89 4.53 -17.84 -25.49
CA PRO A 89 5.61 -18.66 -26.04
C PRO A 89 5.91 -19.90 -25.20
N GLY A 90 6.16 -21.01 -25.88
CA GLY A 90 6.47 -22.26 -25.21
C GLY A 90 5.38 -22.83 -24.31
N LYS A 91 4.23 -22.17 -24.27
CA LYS A 91 3.13 -22.64 -23.44
C LYS A 91 2.24 -23.68 -24.11
N GLU A 92 2.34 -23.81 -25.43
CA GLU A 92 1.55 -24.80 -26.14
C GLU A 92 1.91 -26.16 -25.55
N LYS A 93 3.10 -26.25 -25.00
CA LYS A 93 3.56 -27.50 -24.38
C LYS A 93 2.76 -27.74 -23.10
N VAL A 94 2.70 -26.71 -22.26
CA VAL A 94 1.96 -26.81 -21.01
C VAL A 94 0.50 -27.11 -21.30
N VAL A 95 -0.04 -26.47 -22.33
CA VAL A 95 -1.43 -26.66 -22.73
C VAL A 95 -1.73 -28.11 -23.06
N SER A 96 -0.97 -28.67 -23.99
CA SER A 96 -1.15 -30.06 -24.39
C SER A 96 -0.88 -31.02 -23.22
N GLU A 97 -0.18 -30.52 -22.20
CA GLU A 97 0.14 -31.35 -21.04
C GLU A 97 -1.01 -31.34 -20.03
N LEU A 98 -1.75 -30.23 -20.00
CA LEU A 98 -2.89 -30.09 -19.09
C LEU A 98 -4.12 -30.83 -19.60
N LYS A 99 -4.36 -30.76 -20.91
CA LYS A 99 -5.51 -31.43 -21.50
C LYS A 99 -5.52 -32.93 -21.20
N GLN A 100 -4.41 -33.60 -21.48
CA GLN A 100 -4.34 -35.04 -21.23
C GLN A 100 -4.45 -35.35 -19.73
N LEU A 101 -4.06 -34.41 -18.88
CA LEU A 101 -4.17 -34.63 -17.46
C LEU A 101 -5.65 -34.51 -17.08
N ALA A 102 -6.38 -33.72 -17.87
CA ALA A 102 -7.80 -33.50 -17.64
C ALA A 102 -8.63 -34.69 -18.09
N GLU A 103 -8.23 -35.29 -19.22
CA GLU A 103 -8.95 -36.44 -19.74
C GLU A 103 -8.83 -37.63 -18.78
N LYS A 104 -7.87 -37.55 -17.87
CA LYS A 104 -7.67 -38.61 -16.88
C LYS A 104 -8.22 -38.21 -15.52
N ALA A 105 -8.91 -37.08 -15.47
CA ALA A 105 -9.48 -36.58 -14.21
C ALA A 105 -11.00 -36.42 -14.27
N ASP A 106 -11.66 -36.80 -13.18
CA ASP A 106 -13.11 -36.69 -13.10
C ASP A 106 -13.59 -35.29 -12.77
N HIS A 107 -12.66 -34.42 -12.39
CA HIS A 107 -13.01 -33.05 -12.05
C HIS A 107 -11.78 -32.18 -12.08
N ILE A 108 -11.92 -30.95 -12.55
CA ILE A 108 -10.81 -30.04 -12.60
C ILE A 108 -11.00 -28.90 -11.62
N TYR A 109 -10.03 -28.73 -10.73
CA TYR A 109 -10.07 -27.67 -9.74
C TYR A 109 -9.09 -26.58 -10.09
N LEU A 110 -9.61 -25.37 -10.19
CA LEU A 110 -8.80 -24.21 -10.50
C LEU A 110 -8.54 -23.54 -9.15
N ALA A 111 -7.31 -23.69 -8.68
CA ALA A 111 -6.91 -23.14 -7.41
C ALA A 111 -5.96 -21.95 -7.62
N THR A 112 -6.33 -21.06 -8.53
CA THR A 112 -5.50 -19.89 -8.79
C THR A 112 -5.68 -18.97 -7.58
N ASP A 113 -4.87 -17.92 -7.50
CA ASP A 113 -4.99 -16.99 -6.39
C ASP A 113 -6.40 -16.40 -6.35
N LEU A 114 -6.82 -15.95 -5.16
CA LEU A 114 -8.17 -15.43 -4.94
C LEU A 114 -8.57 -14.08 -5.53
N ASP A 115 -7.63 -13.30 -6.05
CA ASP A 115 -8.01 -12.01 -6.60
C ASP A 115 -8.58 -12.16 -8.01
N ARG A 116 -8.92 -11.04 -8.65
CA ARG A 116 -9.50 -11.06 -9.99
C ARG A 116 -8.59 -11.66 -11.06
N GLU A 117 -7.31 -11.30 -11.01
CA GLU A 117 -6.30 -11.79 -11.93
C GLU A 117 -6.31 -13.30 -11.83
N GLY A 118 -6.40 -13.79 -10.60
CA GLY A 118 -6.43 -15.23 -10.37
C GLY A 118 -7.68 -15.83 -10.99
N GLU A 119 -8.82 -15.12 -10.85
CA GLU A 119 -10.07 -15.61 -11.42
C GLU A 119 -9.94 -15.69 -12.93
N ALA A 120 -9.32 -14.65 -13.50
CA ALA A 120 -9.12 -14.57 -14.93
C ALA A 120 -8.25 -15.71 -15.42
N ILE A 121 -7.21 -16.01 -14.64
CA ILE A 121 -6.28 -17.09 -14.97
C ILE A 121 -7.05 -18.41 -14.91
N ALA A 122 -7.92 -18.53 -13.92
CA ALA A 122 -8.73 -19.73 -13.78
C ALA A 122 -9.60 -19.85 -15.03
N TRP A 123 -10.11 -18.72 -15.50
CA TRP A 123 -10.96 -18.68 -16.69
C TRP A 123 -10.17 -19.14 -17.91
N HIS A 124 -8.94 -18.64 -18.04
CA HIS A 124 -8.09 -19.00 -19.16
C HIS A 124 -7.73 -20.47 -19.20
N LEU A 125 -7.59 -21.09 -18.04
CA LEU A 125 -7.29 -22.50 -17.97
C LEU A 125 -8.51 -23.30 -18.39
N ARG A 126 -9.69 -22.86 -17.93
CA ARG A 126 -10.94 -23.53 -18.25
C ARG A 126 -11.28 -23.39 -19.72
N GLU A 127 -10.84 -22.30 -20.32
CA GLU A 127 -11.12 -22.04 -21.71
C GLU A 127 -10.19 -22.89 -22.58
N VAL A 128 -8.90 -22.81 -22.29
CA VAL A 128 -7.89 -23.54 -23.04
C VAL A 128 -8.02 -25.06 -22.97
N ILE A 129 -8.35 -25.58 -21.79
CA ILE A 129 -8.52 -27.02 -21.63
C ILE A 129 -9.83 -27.48 -22.26
N GLY A 130 -10.87 -26.67 -22.09
CA GLY A 130 -12.16 -27.01 -22.65
C GLY A 130 -12.90 -28.07 -21.86
N GLY A 131 -13.90 -28.66 -22.50
CA GLY A 131 -14.69 -29.67 -21.82
C GLY A 131 -15.90 -29.03 -21.18
N ASP A 132 -16.70 -29.85 -20.50
CA ASP A 132 -17.92 -29.38 -19.84
C ASP A 132 -17.61 -28.44 -18.66
N ASP A 133 -18.31 -27.31 -18.61
CA ASP A 133 -18.12 -26.35 -17.54
C ASP A 133 -18.35 -27.00 -16.17
N ALA A 134 -19.16 -28.04 -16.14
CA ALA A 134 -19.46 -28.75 -14.90
C ALA A 134 -18.24 -29.50 -14.38
N ARG A 135 -17.26 -29.72 -15.25
CA ARG A 135 -16.05 -30.43 -14.86
C ARG A 135 -15.11 -29.51 -14.08
N TYR A 136 -15.48 -28.22 -14.00
CA TYR A 136 -14.65 -27.23 -13.32
C TYR A 136 -15.20 -26.64 -12.03
N SER A 137 -14.33 -26.50 -11.06
CA SER A 137 -14.66 -25.91 -9.78
C SER A 137 -13.62 -24.82 -9.53
N ARG A 138 -13.96 -23.83 -8.73
CA ARG A 138 -13.05 -22.74 -8.42
C ARG A 138 -12.83 -22.69 -6.92
N VAL A 139 -11.73 -23.25 -6.44
CA VAL A 139 -11.44 -23.25 -5.02
C VAL A 139 -10.80 -21.92 -4.61
N VAL A 140 -11.26 -21.39 -3.48
CA VAL A 140 -10.77 -20.11 -2.98
C VAL A 140 -10.15 -20.30 -1.60
N PHE A 141 -8.93 -19.79 -1.42
CA PHE A 141 -8.27 -19.88 -0.13
C PHE A 141 -7.31 -18.70 0.01
N ASN A 142 -7.17 -18.17 1.21
CA ASN A 142 -6.27 -17.04 1.41
C ASN A 142 -5.00 -17.41 2.14
N GLU A 143 -4.73 -18.71 2.22
CA GLU A 143 -3.53 -19.23 2.86
C GLU A 143 -3.45 -20.71 2.49
N ILE A 144 -2.25 -21.24 2.34
CA ILE A 144 -2.12 -22.64 1.98
C ILE A 144 -1.73 -23.48 3.18
N THR A 145 -2.74 -23.83 3.98
CA THR A 145 -2.56 -24.65 5.18
C THR A 145 -3.47 -25.87 5.03
N LYS A 146 -3.32 -26.83 5.93
CA LYS A 146 -4.11 -28.04 5.92
C LYS A 146 -5.59 -27.70 5.92
N ASN A 147 -6.03 -27.08 7.01
CA ASN A 147 -7.42 -26.70 7.19
C ASN A 147 -7.97 -25.76 6.13
N ALA A 148 -7.18 -24.75 5.73
CA ALA A 148 -7.65 -23.82 4.72
C ALA A 148 -7.88 -24.53 3.39
N ILE A 149 -7.05 -25.52 3.09
CA ILE A 149 -7.21 -26.26 1.85
C ILE A 149 -8.39 -27.22 1.95
N ARG A 150 -8.60 -27.78 3.14
CA ARG A 150 -9.70 -28.70 3.36
C ARG A 150 -11.04 -27.97 3.23
N GLN A 151 -11.13 -26.81 3.86
CA GLN A 151 -12.35 -26.00 3.80
C GLN A 151 -12.61 -25.55 2.36
N ALA A 152 -11.55 -25.29 1.62
CA ALA A 152 -11.65 -24.84 0.23
C ALA A 152 -12.13 -25.95 -0.71
N PHE A 153 -11.72 -27.19 -0.47
CA PHE A 153 -12.14 -28.28 -1.33
C PHE A 153 -13.36 -29.03 -0.82
N ASN A 154 -13.80 -28.68 0.39
CA ASN A 154 -14.97 -29.31 0.98
C ASN A 154 -16.21 -28.57 0.48
N LYS A 155 -16.02 -27.29 0.18
CA LYS A 155 -17.07 -26.43 -0.35
C LYS A 155 -16.56 -25.74 -1.60
N PRO A 156 -16.20 -26.52 -2.63
CA PRO A 156 -15.69 -25.93 -3.88
C PRO A 156 -16.70 -24.97 -4.48
N GLY A 157 -16.22 -23.88 -5.08
CA GLY A 157 -17.11 -22.91 -5.69
C GLY A 157 -17.04 -22.90 -7.20
N GLU A 158 -17.84 -22.03 -7.82
CA GLU A 158 -17.89 -21.89 -9.27
C GLU A 158 -17.08 -20.70 -9.73
N LEU A 159 -16.65 -20.73 -10.99
CA LEU A 159 -15.90 -19.63 -11.55
C LEU A 159 -16.88 -18.44 -11.59
N ASN A 160 -16.44 -17.27 -11.14
CA ASN A 160 -17.30 -16.08 -11.13
C ASN A 160 -16.96 -15.26 -12.35
N ILE A 161 -17.84 -15.29 -13.34
CA ILE A 161 -17.63 -14.58 -14.60
C ILE A 161 -17.50 -13.08 -14.44
N ASP A 162 -18.18 -12.51 -13.44
CA ASP A 162 -18.10 -11.08 -13.20
C ASP A 162 -16.71 -10.63 -12.77
N ARG A 163 -16.06 -11.39 -11.88
CA ARG A 163 -14.72 -11.03 -11.45
C ARG A 163 -13.81 -11.18 -12.66
N VAL A 164 -14.08 -12.17 -13.51
CA VAL A 164 -13.26 -12.34 -14.70
C VAL A 164 -13.50 -11.12 -15.61
N ASN A 165 -14.75 -10.70 -15.77
CA ASN A 165 -15.05 -9.55 -16.60
C ASN A 165 -14.41 -8.28 -16.02
N ALA A 166 -14.47 -8.15 -14.70
CA ALA A 166 -13.90 -7.00 -14.05
C ALA A 166 -12.40 -6.93 -14.39
N GLN A 167 -11.72 -8.06 -14.26
CA GLN A 167 -10.29 -8.12 -14.56
C GLN A 167 -10.02 -7.81 -16.03
N GLN A 168 -10.78 -8.42 -16.94
CA GLN A 168 -10.52 -8.14 -18.36
C GLN A 168 -10.81 -6.67 -18.71
N ALA A 169 -11.85 -6.11 -18.11
CA ALA A 169 -12.20 -4.72 -18.38
C ALA A 169 -10.99 -3.83 -18.04
N ARG A 170 -10.44 -4.02 -16.84
CA ARG A 170 -9.28 -3.27 -16.40
C ARG A 170 -8.18 -3.40 -17.44
N ARG A 171 -7.90 -4.65 -17.81
CA ARG A 171 -6.87 -4.96 -18.77
C ARG A 171 -7.12 -4.28 -20.13
N PHE A 172 -8.36 -4.34 -20.60
CA PHE A 172 -8.69 -3.72 -21.87
C PHE A 172 -8.50 -2.22 -21.86
N MET A 173 -8.96 -1.53 -20.82
CA MET A 173 -8.77 -0.10 -20.82
C MET A 173 -7.32 0.30 -20.63
N ASP A 174 -6.52 -0.53 -19.95
CA ASP A 174 -5.10 -0.21 -19.81
C ASP A 174 -4.45 -0.30 -21.19
N ARG A 175 -4.84 -1.31 -21.97
CA ARG A 175 -4.32 -1.50 -23.33
C ARG A 175 -4.69 -0.32 -24.23
N VAL A 176 -5.93 0.15 -24.09
CA VAL A 176 -6.43 1.26 -24.91
C VAL A 176 -5.66 2.55 -24.64
N VAL A 177 -5.51 2.89 -23.37
CA VAL A 177 -4.77 4.09 -23.00
C VAL A 177 -3.33 3.97 -23.51
N GLY A 178 -2.66 2.89 -23.11
CA GLY A 178 -1.28 2.67 -23.53
C GLY A 178 -1.03 2.64 -25.02
N TYR A 179 -1.82 1.86 -25.77
CA TYR A 179 -1.63 1.76 -27.21
C TYR A 179 -2.21 2.89 -28.04
N MET A 180 -3.11 3.68 -27.47
CA MET A 180 -3.69 4.79 -28.24
C MET A 180 -3.15 6.15 -27.81
N VAL A 181 -2.71 6.27 -26.57
CA VAL A 181 -2.15 7.52 -26.09
C VAL A 181 -0.67 7.62 -26.43
N SER A 182 0.06 6.52 -26.27
CA SER A 182 1.49 6.50 -26.55
C SER A 182 1.84 7.04 -27.93
N PRO A 183 1.15 6.56 -28.98
CA PRO A 183 1.44 7.05 -30.34
C PRO A 183 1.35 8.57 -30.41
N LEU A 184 0.32 9.12 -29.79
CA LEU A 184 0.17 10.56 -29.81
C LEU A 184 1.39 11.19 -29.14
N LEU A 185 1.85 10.57 -28.05
CA LEU A 185 3.01 11.07 -27.35
C LEU A 185 4.26 11.04 -28.22
N TRP A 186 4.38 10.04 -29.08
CA TRP A 186 5.55 9.94 -29.95
C TRP A 186 5.55 11.05 -30.99
N LYS A 187 4.37 11.32 -31.53
CA LYS A 187 4.21 12.32 -32.55
C LYS A 187 4.34 13.73 -31.99
N LYS A 188 3.75 13.96 -30.82
CA LYS A 188 3.78 15.26 -30.19
C LYS A 188 4.98 15.56 -29.28
N ILE A 189 5.44 14.57 -28.53
CA ILE A 189 6.52 14.81 -27.59
C ILE A 189 7.86 14.16 -27.89
N ALA A 190 7.87 12.83 -27.96
CA ALA A 190 9.09 12.08 -28.26
C ALA A 190 8.71 10.62 -28.37
N ARG A 191 9.32 9.94 -29.33
CA ARG A 191 9.05 8.53 -29.53
C ARG A 191 9.62 7.71 -28.38
N GLY A 192 9.06 6.53 -28.15
CA GLY A 192 9.53 5.68 -27.06
C GLY A 192 8.80 5.89 -25.76
N LEU A 193 8.11 7.03 -25.65
CA LEU A 193 7.36 7.36 -24.43
C LEU A 193 6.13 6.49 -24.25
N SER A 194 5.75 6.24 -23.00
CA SER A 194 4.58 5.43 -22.71
C SER A 194 3.51 6.18 -21.94
N ALA A 195 2.29 5.65 -22.00
CA ALA A 195 1.18 6.25 -21.30
C ALA A 195 0.50 5.11 -20.56
N GLY A 196 0.06 5.39 -19.34
CA GLY A 196 -0.61 4.38 -18.55
C GLY A 196 -1.83 4.97 -17.87
N ARG A 197 -2.95 4.30 -18.04
CA ARG A 197 -4.20 4.77 -17.44
C ARG A 197 -3.92 5.22 -16.03
N VAL A 198 -3.47 4.31 -15.18
CA VAL A 198 -3.19 4.66 -13.80
C VAL A 198 -1.77 5.13 -13.63
N GLN A 199 -0.86 4.69 -14.50
CA GLN A 199 0.55 5.10 -14.37
C GLN A 199 0.72 6.61 -14.55
N SER A 200 -0.05 7.19 -15.46
CA SER A 200 0.03 8.62 -15.70
C SER A 200 -0.48 9.44 -14.52
N VAL A 201 -1.44 8.88 -13.79
CA VAL A 201 -2.01 9.56 -12.62
C VAL A 201 -1.07 9.39 -11.44
N ALA A 202 -0.38 8.26 -11.37
CA ALA A 202 0.57 8.01 -10.28
C ALA A 202 1.67 9.04 -10.45
N VAL A 203 2.19 9.11 -11.68
CA VAL A 203 3.23 10.06 -12.02
C VAL A 203 2.75 11.46 -11.65
N ARG A 204 1.55 11.84 -12.09
CA ARG A 204 1.04 13.17 -11.75
C ARG A 204 1.25 13.50 -10.27
N LEU A 205 0.91 12.57 -9.39
CA LEU A 205 1.09 12.80 -7.97
C LEU A 205 2.56 13.14 -7.65
N VAL A 206 3.49 12.40 -8.24
CA VAL A 206 4.90 12.65 -8.01
C VAL A 206 5.28 14.02 -8.56
N VAL A 207 4.80 14.32 -9.76
CA VAL A 207 5.09 15.60 -10.40
C VAL A 207 4.54 16.77 -9.56
N GLU A 208 3.34 16.60 -9.01
CA GLU A 208 2.79 17.68 -8.19
C GLU A 208 3.62 17.82 -6.91
N ARG A 209 4.03 16.69 -6.35
CA ARG A 209 4.86 16.74 -5.16
C ARG A 209 6.20 17.39 -5.50
N GLU A 210 6.74 17.10 -6.68
CA GLU A 210 8.01 17.68 -7.08
C GLU A 210 7.89 19.18 -7.14
N ARG A 211 6.82 19.64 -7.79
CA ARG A 211 6.59 21.07 -7.92
C ARG A 211 6.32 21.77 -6.60
N GLU A 212 5.71 21.07 -5.66
CA GLU A 212 5.45 21.66 -4.36
C GLU A 212 6.80 21.94 -3.73
N ILE A 213 7.65 20.93 -3.75
CA ILE A 213 9.00 21.02 -3.20
C ILE A 213 9.84 22.09 -3.87
N LYS A 214 9.73 22.19 -5.19
CA LYS A 214 10.51 23.18 -5.93
C LYS A 214 10.09 24.61 -5.59
N ALA A 215 8.80 24.82 -5.42
CA ALA A 215 8.28 26.15 -5.12
C ALA A 215 8.30 26.52 -3.64
N PHE A 216 8.52 25.55 -2.77
CA PHE A 216 8.54 25.79 -1.34
C PHE A 216 9.59 26.80 -0.90
N VAL A 217 9.18 27.77 -0.08
CA VAL A 217 10.09 28.79 0.44
C VAL A 217 10.20 28.59 1.95
N PRO A 218 11.33 28.03 2.43
CA PRO A 218 11.52 27.81 3.86
C PRO A 218 11.28 29.07 4.70
N GLU A 219 10.62 28.91 5.83
CA GLU A 219 10.38 30.05 6.71
C GLU A 219 11.07 29.83 8.05
N GLU A 220 11.72 30.90 8.53
CA GLU A 220 12.45 30.86 9.79
C GLU A 220 11.55 31.11 10.99
N PHE A 221 11.68 30.25 11.99
CA PHE A 221 10.92 30.41 13.22
C PHE A 221 11.82 29.98 14.36
N TRP A 222 11.69 30.65 15.50
CA TRP A 222 12.52 30.32 16.64
C TRP A 222 11.78 29.61 17.75
N GLU A 223 12.56 28.87 18.54
CA GLU A 223 12.06 28.15 19.70
C GLU A 223 13.02 28.50 20.83
N VAL A 224 12.56 28.40 22.07
CA VAL A 224 13.41 28.71 23.19
C VAL A 224 13.20 27.68 24.27
N ASP A 225 14.29 26.98 24.61
CA ASP A 225 14.23 25.96 25.65
C ASP A 225 14.82 26.54 26.92
N ALA A 226 14.27 26.12 28.05
CA ALA A 226 14.75 26.60 29.33
C ALA A 226 15.15 25.44 30.22
N SER A 227 16.37 25.48 30.74
CA SER A 227 16.86 24.46 31.65
C SER A 227 16.59 25.01 33.05
N THR A 228 15.91 24.25 33.90
CA THR A 228 15.64 24.75 35.25
C THR A 228 15.88 23.68 36.31
N THR A 229 15.94 24.13 37.56
CA THR A 229 16.15 23.24 38.68
C THR A 229 15.00 23.31 39.67
N THR A 230 14.42 22.16 39.96
CA THR A 230 13.31 22.07 40.89
C THR A 230 13.82 22.45 42.27
N PRO A 231 12.90 22.64 43.24
CA PRO A 231 13.34 23.01 44.59
C PRO A 231 14.46 22.11 45.11
N SER A 232 14.33 20.81 44.90
CA SER A 232 15.33 19.86 45.35
C SER A 232 16.44 19.60 44.35
N GLY A 233 16.88 20.66 43.67
CA GLY A 233 17.97 20.57 42.70
C GLY A 233 17.86 19.68 41.46
N GLU A 234 16.70 19.11 41.20
CA GLU A 234 16.56 18.25 40.02
C GLU A 234 16.42 19.07 38.74
N ALA A 235 17.00 18.56 37.65
CA ALA A 235 16.97 19.26 36.36
C ALA A 235 15.65 19.05 35.61
N LEU A 236 15.09 20.16 35.12
CA LEU A 236 13.83 20.14 34.38
C LEU A 236 14.00 20.92 33.10
N ALA A 237 13.61 20.31 31.99
CA ALA A 237 13.73 20.94 30.69
C ALA A 237 12.36 21.43 30.23
N LEU A 238 12.31 22.68 29.80
CA LEU A 238 11.05 23.28 29.36
C LEU A 238 11.21 23.99 28.02
N GLN A 239 10.13 24.07 27.26
CA GLN A 239 10.16 24.80 26.02
C GLN A 239 9.07 25.85 26.16
N VAL A 240 9.39 27.10 25.85
CA VAL A 240 8.42 28.18 25.94
C VAL A 240 7.33 27.90 24.93
N THR A 241 6.08 28.11 25.34
CA THR A 241 4.95 27.86 24.46
C THR A 241 4.10 29.11 24.31
N HIS A 242 4.01 29.89 25.38
CA HIS A 242 3.21 31.11 25.34
C HIS A 242 3.91 32.33 25.91
N GLN A 243 3.52 33.47 25.37
CA GLN A 243 4.01 34.77 25.80
C GLN A 243 2.78 35.63 25.66
N ASN A 244 2.32 36.23 26.75
CA ASN A 244 1.14 37.06 26.72
C ASN A 244 -0.06 36.20 26.33
N ASP A 245 0.01 34.93 26.73
CA ASP A 245 -1.06 33.96 26.47
C ASP A 245 -1.27 33.69 24.98
N LYS A 246 -0.30 34.10 24.17
CA LYS A 246 -0.38 33.89 22.73
C LYS A 246 0.76 32.93 22.36
N PRO A 247 0.54 32.06 21.37
CA PRO A 247 1.59 31.11 20.96
C PRO A 247 2.92 31.81 20.75
N PHE A 248 3.97 31.27 21.37
CA PHE A 248 5.31 31.84 21.24
C PHE A 248 5.97 31.38 19.94
N ARG A 249 5.99 32.27 18.94
CA ARG A 249 6.58 31.93 17.64
C ARG A 249 7.46 33.03 17.06
N PRO A 250 8.52 33.44 17.79
CA PRO A 250 9.37 34.49 17.22
C PRO A 250 9.87 34.05 15.86
N VAL A 251 9.98 34.99 14.93
CA VAL A 251 10.41 34.67 13.57
C VAL A 251 11.83 35.12 13.21
N ASN A 252 12.54 35.76 14.14
CA ASN A 252 13.90 36.21 13.84
C ASN A 252 14.79 36.31 15.07
N LYS A 253 16.04 36.72 14.84
CA LYS A 253 17.02 36.85 15.91
C LYS A 253 16.63 37.85 16.97
N GLU A 254 16.23 39.06 16.55
CA GLU A 254 15.84 40.11 17.47
C GLU A 254 14.66 39.78 18.36
N GLN A 255 13.59 39.23 17.79
CA GLN A 255 12.41 38.90 18.57
C GLN A 255 12.75 37.83 19.60
N THR A 256 13.63 36.91 19.23
CA THR A 256 14.01 35.85 20.14
C THR A 256 14.86 36.37 21.28
N GLN A 257 15.84 37.22 20.97
CA GLN A 257 16.71 37.78 21.99
C GLN A 257 15.88 38.64 22.94
N ALA A 258 14.94 39.41 22.40
CA ALA A 258 14.07 40.26 23.22
C ALA A 258 13.28 39.38 24.18
N ALA A 259 12.83 38.23 23.69
CA ALA A 259 12.08 37.32 24.54
C ALA A 259 13.04 36.69 25.56
N VAL A 260 14.25 36.37 25.12
CA VAL A 260 15.24 35.78 26.01
C VAL A 260 15.61 36.64 27.21
N SER A 261 15.84 37.94 27.00
CA SER A 261 16.18 38.79 28.13
C SER A 261 15.01 38.93 29.10
N LEU A 262 13.78 38.86 28.59
CA LEU A 262 12.61 38.94 29.48
C LEU A 262 12.60 37.63 30.28
N LEU A 263 12.84 36.52 29.60
CA LEU A 263 12.85 35.21 30.25
C LEU A 263 13.98 34.98 31.26
N GLU A 264 15.11 35.64 31.05
CA GLU A 264 16.23 35.47 31.97
C GLU A 264 15.97 36.09 33.34
N LYS A 265 15.10 37.10 33.37
CA LYS A 265 14.82 37.76 34.63
C LYS A 265 13.55 37.31 35.33
N ALA A 266 12.69 36.60 34.63
CA ALA A 266 11.42 36.15 35.21
C ALA A 266 11.57 35.16 36.38
N ARG A 267 10.56 35.10 37.24
CA ARG A 267 10.55 34.14 38.34
C ARG A 267 9.79 32.94 37.79
N TYR A 268 10.36 31.76 37.94
CA TYR A 268 9.72 30.54 37.43
C TYR A 268 9.04 29.73 38.53
N SER A 269 7.88 29.18 38.18
CA SER A 269 7.12 28.37 39.12
C SER A 269 6.17 27.47 38.34
N VAL A 270 5.82 26.34 38.94
CA VAL A 270 4.91 25.41 38.29
C VAL A 270 3.48 25.94 38.41
N LEU A 271 2.94 26.41 37.31
CA LEU A 271 1.59 26.93 37.29
C LEU A 271 0.61 25.79 37.54
N GLU A 272 0.93 24.62 37.00
CA GLU A 272 0.05 23.46 37.16
C GLU A 272 0.66 22.13 36.71
N ARG A 273 0.28 21.07 37.42
CA ARG A 273 0.76 19.73 37.10
C ARG A 273 -0.46 18.90 36.70
N GLU A 274 -0.29 18.09 35.65
CA GLU A 274 -1.38 17.24 35.16
C GLU A 274 -0.89 15.82 34.91
N ASP A 275 -1.34 14.88 35.73
CA ASP A 275 -0.96 13.48 35.59
C ASP A 275 -2.14 12.72 34.98
N LYS A 276 -1.96 12.21 33.78
CA LYS A 276 -3.03 11.48 33.11
C LYS A 276 -2.59 10.11 32.62
N PRO A 277 -3.43 9.09 32.88
CA PRO A 277 -3.06 7.75 32.44
C PRO A 277 -3.39 7.67 30.95
N THR A 278 -2.38 7.42 30.13
CA THR A 278 -2.63 7.31 28.69
C THR A 278 -2.38 5.88 28.26
N THR A 279 -2.65 5.61 26.99
CA THR A 279 -2.44 4.29 26.45
C THR A 279 -2.08 4.42 24.98
N SER A 280 -1.50 3.36 24.45
CA SER A 280 -1.16 3.31 23.04
C SER A 280 -1.67 1.94 22.63
N LYS A 281 -2.49 1.91 21.59
CA LYS A 281 -3.04 0.66 21.12
C LYS A 281 -2.21 0.18 19.94
N PRO A 282 -2.17 -1.14 19.71
CA PRO A 282 -1.40 -1.68 18.59
C PRO A 282 -2.16 -1.41 17.30
N GLY A 283 -1.46 -1.39 16.18
CA GLY A 283 -2.12 -1.14 14.93
C GLY A 283 -2.84 -2.38 14.45
N ALA A 284 -3.62 -2.23 13.39
CA ALA A 284 -4.35 -3.35 12.83
C ALA A 284 -3.38 -4.28 12.12
N PRO A 285 -3.77 -5.55 11.93
CA PRO A 285 -2.86 -6.45 11.22
C PRO A 285 -2.67 -5.85 9.83
N PHE A 286 -1.62 -6.24 9.14
CA PHE A 286 -1.34 -5.68 7.82
C PHE A 286 -2.27 -6.00 6.67
N ILE A 287 -2.35 -5.03 5.76
CA ILE A 287 -3.05 -5.21 4.52
C ILE A 287 -1.92 -4.88 3.53
N THR A 288 -2.16 -5.03 2.24
CA THR A 288 -1.12 -4.80 1.27
C THR A 288 -0.39 -3.47 1.41
N SER A 289 -1.16 -2.38 1.39
CA SER A 289 -0.57 -1.06 1.50
C SER A 289 0.22 -0.84 2.79
N THR A 290 -0.37 -1.16 3.94
CA THR A 290 0.38 -0.98 5.19
C THR A 290 1.62 -1.88 5.31
N LEU A 291 1.56 -3.08 4.76
CA LEU A 291 2.69 -3.99 4.82
C LEU A 291 3.86 -3.33 4.10
N GLN A 292 3.60 -2.82 2.91
CA GLN A 292 4.61 -2.16 2.10
C GLN A 292 5.23 -0.97 2.83
N GLN A 293 4.38 -0.15 3.46
CA GLN A 293 4.86 1.00 4.18
C GLN A 293 5.77 0.58 5.35
N ALA A 294 5.29 -0.33 6.19
CA ALA A 294 6.06 -0.77 7.32
C ALA A 294 7.35 -1.48 6.90
N ALA A 295 7.29 -2.26 5.83
CA ALA A 295 8.48 -2.96 5.34
C ALA A 295 9.48 -1.91 4.84
N SER A 296 8.96 -0.84 4.26
CA SER A 296 9.79 0.24 3.73
C SER A 296 10.37 1.12 4.83
N THR A 297 9.59 1.38 5.88
CA THR A 297 10.04 2.22 6.97
C THR A 297 10.93 1.50 7.98
N ARG A 298 10.54 0.29 8.35
CA ARG A 298 11.26 -0.49 9.33
C ARG A 298 12.34 -1.41 8.80
N LEU A 299 12.25 -1.80 7.52
CA LEU A 299 13.25 -2.72 6.96
C LEU A 299 13.98 -2.18 5.74
N GLY A 300 13.58 -1.00 5.27
CA GLY A 300 14.21 -0.44 4.09
C GLY A 300 13.91 -1.24 2.82
N PHE A 301 12.81 -1.98 2.83
CA PHE A 301 12.43 -2.75 1.65
C PHE A 301 11.57 -1.95 0.70
N GLY A 302 11.87 -2.06 -0.60
CA GLY A 302 11.08 -1.36 -1.60
C GLY A 302 9.84 -2.18 -1.88
N VAL A 303 8.86 -1.59 -2.54
CA VAL A 303 7.62 -2.29 -2.84
C VAL A 303 7.81 -3.60 -3.61
N LYS A 304 8.61 -3.57 -4.67
CA LYS A 304 8.85 -4.78 -5.44
C LYS A 304 9.43 -5.87 -4.54
N LYS A 305 10.42 -5.50 -3.73
CA LYS A 305 11.06 -6.46 -2.83
C LYS A 305 10.08 -7.03 -1.82
N THR A 306 9.26 -6.18 -1.21
CA THR A 306 8.31 -6.65 -0.22
C THR A 306 7.26 -7.57 -0.81
N MET A 307 6.70 -7.19 -1.95
CA MET A 307 5.69 -8.01 -2.61
C MET A 307 6.24 -9.31 -3.15
N MET A 308 7.49 -9.31 -3.59
CA MET A 308 8.08 -10.52 -4.14
C MET A 308 8.28 -11.50 -2.97
N MET A 309 8.75 -10.99 -1.84
CA MET A 309 8.96 -11.85 -0.67
C MET A 309 7.64 -12.27 -0.05
N ALA A 310 6.65 -11.38 -0.10
CA ALA A 310 5.35 -11.71 0.46
C ALA A 310 4.79 -12.89 -0.32
N GLN A 311 4.86 -12.81 -1.64
CA GLN A 311 4.36 -13.89 -2.48
C GLN A 311 5.08 -15.20 -2.10
N ARG A 312 6.40 -15.14 -2.01
CA ARG A 312 7.23 -16.28 -1.64
C ARG A 312 6.68 -16.90 -0.35
N LEU A 313 6.49 -16.08 0.67
CA LEU A 313 5.98 -16.56 1.95
C LEU A 313 4.58 -17.17 1.83
N TYR A 314 3.71 -16.51 1.07
CA TYR A 314 2.34 -16.98 0.88
C TYR A 314 2.30 -18.33 0.14
N GLU A 315 3.06 -18.42 -0.94
CA GLU A 315 3.11 -19.63 -1.75
C GLU A 315 3.75 -20.80 -1.03
N ALA A 316 4.55 -20.53 0.00
CA ALA A 316 5.19 -21.58 0.78
C ALA A 316 4.28 -21.92 1.96
N GLY A 317 3.10 -21.31 1.95
CA GLY A 317 2.11 -21.55 2.99
C GLY A 317 2.42 -20.95 4.34
N TYR A 318 3.24 -19.89 4.36
CA TYR A 318 3.63 -19.27 5.63
C TYR A 318 2.79 -18.10 6.08
N ILE A 319 2.18 -17.38 5.14
CA ILE A 319 1.33 -16.25 5.48
C ILE A 319 0.09 -16.26 4.62
N THR A 320 -0.90 -15.46 4.99
CA THR A 320 -2.12 -15.36 4.23
C THR A 320 -1.81 -14.61 2.93
N TYR A 321 -2.77 -14.62 2.01
CA TYR A 321 -2.62 -13.96 0.71
C TYR A 321 -2.15 -12.53 0.91
N MET A 322 -1.14 -12.12 0.14
CA MET A 322 -0.56 -10.79 0.32
C MET A 322 -1.21 -9.62 -0.43
N ARG A 323 -2.34 -9.87 -1.08
CA ARG A 323 -3.06 -8.82 -1.82
C ARG A 323 -4.43 -8.66 -1.16
N THR A 324 -4.50 -7.71 -0.23
CA THR A 324 -5.73 -7.53 0.49
C THR A 324 -5.73 -6.15 1.09
N ASP A 325 -6.92 -5.65 1.40
CA ASP A 325 -7.02 -4.35 2.03
C ASP A 325 -8.11 -4.51 3.09
N SER A 326 -8.28 -5.76 3.51
CA SER A 326 -9.21 -6.17 4.53
C SER A 326 -8.40 -6.45 5.80
N THR A 327 -8.78 -5.84 6.91
CA THR A 327 -8.05 -6.05 8.15
C THR A 327 -8.68 -7.12 9.04
N ASN A 328 -9.61 -7.88 8.48
CA ASN A 328 -10.28 -8.92 9.24
C ASN A 328 -9.39 -10.11 9.57
N LEU A 329 -9.72 -10.77 10.68
CA LEU A 329 -8.98 -11.93 11.12
C LEU A 329 -10.00 -13.02 11.41
N SER A 330 -9.80 -14.21 10.85
CA SER A 330 -10.71 -15.31 11.07
C SER A 330 -10.70 -15.68 12.55
N GLN A 331 -11.78 -16.29 13.02
CA GLN A 331 -11.88 -16.69 14.41
C GLN A 331 -10.78 -17.66 14.82
N ASP A 332 -10.43 -18.58 13.92
CA ASP A 332 -9.37 -19.54 14.22
C ASP A 332 -8.05 -18.78 14.37
N ALA A 333 -7.82 -17.81 13.46
CA ALA A 333 -6.61 -17.00 13.49
C ALA A 333 -6.53 -16.25 14.81
N VAL A 334 -7.64 -15.64 15.21
CA VAL A 334 -7.67 -14.88 16.47
C VAL A 334 -7.49 -15.78 17.69
N ASN A 335 -8.16 -16.94 17.70
CA ASN A 335 -8.06 -17.84 18.83
C ASN A 335 -6.67 -18.47 18.91
N MET A 336 -6.05 -18.69 17.75
CA MET A 336 -4.72 -19.25 17.72
C MET A 336 -3.72 -18.28 18.36
N VAL A 337 -3.70 -17.05 17.86
CA VAL A 337 -2.78 -16.05 18.38
C VAL A 337 -3.06 -15.74 19.85
N ARG A 338 -4.33 -15.71 20.25
CA ARG A 338 -4.65 -15.44 21.65
C ARG A 338 -4.08 -16.56 22.51
N GLY A 339 -4.03 -17.77 21.97
CA GLY A 339 -3.47 -18.88 22.70
C GLY A 339 -1.98 -18.64 22.84
N TYR A 340 -1.38 -18.12 21.77
CA TYR A 340 0.04 -17.82 21.79
C TYR A 340 0.36 -16.74 22.82
N ILE A 341 -0.41 -15.64 22.79
CA ILE A 341 -0.19 -14.53 23.72
C ILE A 341 -0.36 -14.97 25.17
N SER A 342 -1.37 -15.80 25.41
CA SER A 342 -1.67 -16.30 26.75
C SER A 342 -0.54 -17.17 27.30
N ASP A 343 0.03 -18.04 26.47
CA ASP A 343 1.10 -18.93 26.90
C ASP A 343 2.46 -18.23 26.96
N ASN A 344 2.70 -17.36 25.99
CA ASN A 344 3.99 -16.71 25.89
C ASN A 344 4.16 -15.34 26.50
N PHE A 345 3.06 -14.71 26.85
CA PHE A 345 3.12 -13.38 27.46
C PHE A 345 2.32 -13.31 28.74
N GLY A 346 1.14 -13.92 28.75
CA GLY A 346 0.36 -13.91 29.98
C GLY A 346 -0.96 -13.17 29.95
N LYS A 347 -1.73 -13.45 30.98
CA LYS A 347 -3.06 -12.89 31.18
C LYS A 347 -3.12 -11.37 31.02
N LYS A 348 -2.13 -10.67 31.52
CA LYS A 348 -2.12 -9.21 31.43
C LYS A 348 -2.04 -8.67 30.00
N TYR A 349 -1.56 -9.49 29.07
CA TYR A 349 -1.44 -9.08 27.68
C TYR A 349 -2.63 -9.53 26.84
N LEU A 350 -3.45 -10.42 27.40
CA LEU A 350 -4.60 -10.94 26.68
C LEU A 350 -5.82 -10.05 26.92
N PRO A 351 -6.29 -9.34 25.90
CA PRO A 351 -7.47 -8.47 26.09
C PRO A 351 -8.64 -9.36 26.50
N GLU A 352 -9.63 -8.76 27.17
CA GLU A 352 -10.79 -9.54 27.60
C GLU A 352 -11.39 -10.20 26.37
N SER A 353 -11.72 -9.36 25.39
CA SER A 353 -12.31 -9.81 24.13
C SER A 353 -11.35 -9.55 22.98
N PRO A 354 -11.43 -10.36 21.92
CA PRO A 354 -10.56 -10.19 20.75
C PRO A 354 -10.73 -8.83 20.08
N ASN A 355 -9.61 -8.21 19.71
CA ASN A 355 -9.65 -6.93 19.01
C ASN A 355 -10.24 -7.10 17.62
N GLN A 356 -11.18 -6.24 17.27
CA GLN A 356 -11.84 -6.30 15.98
C GLN A 356 -11.52 -5.08 15.14
N TYR A 357 -10.80 -5.27 14.04
CA TYR A 357 -10.44 -4.15 13.17
C TYR A 357 -11.31 -4.15 11.92
N ALA A 358 -11.82 -2.97 11.57
CA ALA A 358 -12.66 -2.82 10.39
C ALA A 358 -12.10 -1.72 9.53
N GLU A 365 -16.32 -7.16 4.11
CA GLU A 365 -15.74 -7.96 3.04
C GLU A 365 -15.77 -9.44 3.41
N ALA A 366 -14.75 -10.18 3.00
CA ALA A 366 -14.66 -11.61 3.31
C ALA A 366 -13.21 -12.08 3.31
N HIS A 367 -12.32 -11.24 2.80
CA HIS A 367 -10.90 -11.56 2.75
C HIS A 367 -10.28 -11.41 4.13
N GLU A 368 -8.96 -11.60 4.20
CA GLU A 368 -8.28 -11.49 5.48
C GLU A 368 -7.02 -10.62 5.41
N ALA A 369 -6.51 -10.28 6.59
CA ALA A 369 -5.31 -9.46 6.69
C ALA A 369 -4.10 -10.31 6.36
N ILE A 370 -2.96 -9.67 6.15
CA ILE A 370 -1.74 -10.41 5.88
C ILE A 370 -1.24 -10.79 7.26
N ARG A 371 -1.23 -12.08 7.53
CA ARG A 371 -0.80 -12.60 8.82
C ARG A 371 -0.14 -13.94 8.59
N PRO A 372 0.62 -14.43 9.58
CA PRO A 372 1.23 -15.73 9.38
C PRO A 372 0.12 -16.78 9.46
N SER A 373 0.32 -17.90 8.79
CA SER A 373 -0.66 -18.98 8.78
C SER A 373 -0.67 -19.71 10.10
N ASP A 374 0.50 -19.85 10.71
CA ASP A 374 0.61 -20.52 12.00
C ASP A 374 1.47 -19.60 12.86
N VAL A 375 0.85 -19.02 13.87
CA VAL A 375 1.52 -18.09 14.78
C VAL A 375 2.65 -18.75 15.54
N ASN A 376 2.64 -20.08 15.63
CA ASN A 376 3.69 -20.78 16.35
C ASN A 376 4.92 -21.06 15.49
N VAL A 377 4.88 -20.64 14.24
CA VAL A 377 6.02 -20.81 13.35
C VAL A 377 6.76 -19.48 13.42
N MET A 378 8.01 -19.53 13.87
CA MET A 378 8.81 -18.32 14.02
C MET A 378 9.61 -18.00 12.77
N ALA A 379 9.95 -16.73 12.60
CA ALA A 379 10.72 -16.30 11.44
C ALA A 379 11.97 -17.18 11.28
N GLU A 380 12.65 -17.43 12.39
CA GLU A 380 13.86 -18.23 12.38
C GLU A 380 13.63 -19.68 11.96
N SER A 381 12.38 -20.14 12.03
CA SER A 381 12.07 -21.52 11.67
C SER A 381 11.60 -21.71 10.23
N LEU A 382 11.51 -20.64 9.45
CA LEU A 382 11.06 -20.77 8.07
C LEU A 382 12.09 -21.60 7.29
N LYS A 383 11.61 -22.59 6.54
CA LYS A 383 12.48 -23.50 5.80
C LYS A 383 13.46 -22.88 4.80
N ASP A 384 12.99 -22.58 3.58
CA ASP A 384 13.86 -22.02 2.54
C ASP A 384 13.60 -20.56 2.19
N MET A 385 13.67 -19.69 3.19
CA MET A 385 13.46 -18.27 2.94
C MET A 385 14.73 -17.50 3.27
N GLU A 386 15.14 -16.61 2.38
CA GLU A 386 16.34 -15.81 2.62
C GLU A 386 16.09 -14.89 3.82
N ALA A 387 17.18 -14.42 4.42
CA ALA A 387 17.13 -13.55 5.59
C ALA A 387 16.07 -12.45 5.52
N ASP A 388 16.02 -11.76 4.39
CA ASP A 388 15.05 -10.68 4.22
C ASP A 388 13.61 -11.18 4.24
N ALA A 389 13.37 -12.34 3.66
CA ALA A 389 12.04 -12.93 3.64
C ALA A 389 11.64 -13.32 5.06
N GLN A 390 12.63 -13.65 5.88
CA GLN A 390 12.37 -13.99 7.27
C GLN A 390 12.03 -12.72 8.04
N LYS A 391 12.75 -11.64 7.75
CA LYS A 391 12.49 -10.38 8.42
C LYS A 391 11.11 -9.85 8.06
N LEU A 392 10.66 -10.09 6.84
CA LEU A 392 9.34 -9.63 6.43
C LEU A 392 8.29 -10.44 7.20
N TYR A 393 8.54 -11.74 7.32
CA TYR A 393 7.61 -12.60 8.05
C TYR A 393 7.58 -12.12 9.49
N GLN A 394 8.76 -11.95 10.08
CA GLN A 394 8.86 -11.50 11.46
C GLN A 394 8.04 -10.23 11.63
N LEU A 395 8.22 -9.28 10.72
CA LEU A 395 7.49 -8.02 10.76
C LEU A 395 5.98 -8.29 10.74
N ILE A 396 5.55 -9.20 9.89
CA ILE A 396 4.13 -9.56 9.76
C ILE A 396 3.61 -10.25 11.01
N TRP A 397 4.45 -11.12 11.56
CA TRP A 397 4.13 -11.90 12.74
C TRP A 397 3.93 -10.99 13.95
N ARG A 398 4.87 -10.07 14.14
CA ARG A 398 4.81 -9.17 15.28
C ARG A 398 3.63 -8.21 15.24
N GLN A 399 3.32 -7.70 14.06
CA GLN A 399 2.20 -6.77 13.91
C GLN A 399 0.94 -7.57 14.22
N PHE A 400 0.92 -8.81 13.74
CA PHE A 400 -0.21 -9.69 13.95
C PHE A 400 -0.46 -10.01 15.42
N VAL A 401 0.58 -10.50 16.10
CA VAL A 401 0.48 -10.83 17.51
C VAL A 401 0.15 -9.59 18.33
N ALA A 402 0.86 -8.50 18.04
CA ALA A 402 0.66 -7.25 18.77
C ALA A 402 -0.78 -6.76 18.63
N CYS A 403 -1.35 -6.91 17.44
CA CYS A 403 -2.71 -6.43 17.20
C CYS A 403 -3.73 -7.09 18.10
N GLN A 404 -3.39 -8.26 18.63
CA GLN A 404 -4.29 -8.97 19.52
C GLN A 404 -3.87 -8.91 20.98
N MET A 405 -2.98 -7.97 21.29
CA MET A 405 -2.51 -7.79 22.66
C MET A 405 -3.08 -6.53 23.27
N THR A 406 -3.03 -6.46 24.59
CA THR A 406 -3.57 -5.33 25.30
C THR A 406 -2.72 -4.08 25.08
N PRO A 407 -3.34 -2.90 25.24
CA PRO A 407 -2.71 -1.59 25.08
C PRO A 407 -1.58 -1.38 26.05
N ALA A 408 -0.62 -0.55 25.66
CA ALA A 408 0.49 -0.21 26.55
C ALA A 408 -0.06 0.93 27.42
N LYS A 409 0.31 0.94 28.70
CA LYS A 409 -0.16 1.98 29.61
C LYS A 409 0.98 2.86 30.08
N TYR A 410 0.78 4.17 29.97
CA TYR A 410 1.80 5.11 30.42
C TYR A 410 1.15 6.14 31.35
N ASP A 411 1.97 6.72 32.22
CA ASP A 411 1.50 7.77 33.10
C ASP A 411 2.08 9.01 32.45
N SER A 412 1.22 9.80 31.80
CA SER A 412 1.68 11.01 31.14
C SER A 412 1.62 12.18 32.09
N THR A 413 2.68 13.00 32.06
CA THR A 413 2.76 14.17 32.91
C THR A 413 2.94 15.42 32.05
N THR A 414 2.21 16.48 32.40
CA THR A 414 2.33 17.75 31.68
C THR A 414 2.50 18.89 32.66
N LEU A 415 3.72 19.39 32.75
CA LEU A 415 4.00 20.51 33.63
C LEU A 415 3.90 21.80 32.85
N THR A 416 3.11 22.74 33.35
CA THR A 416 2.97 24.02 32.70
C THR A 416 3.64 25.00 33.66
N VAL A 417 4.66 25.69 33.19
CA VAL A 417 5.38 26.62 34.03
C VAL A 417 5.12 28.07 33.64
N GLY A 418 5.04 28.93 34.65
CA GLY A 418 4.80 30.33 34.40
C GLY A 418 6.05 31.12 34.73
N ALA A 419 6.41 32.04 33.85
CA ALA A 419 7.60 32.86 34.03
C ALA A 419 7.28 34.24 33.47
N GLY A 420 6.85 35.14 34.36
CA GLY A 420 6.48 36.47 33.92
C GLY A 420 5.29 36.29 32.99
N ASP A 421 5.33 36.90 31.82
CA ASP A 421 4.24 36.77 30.85
C ASP A 421 4.44 35.56 29.94
N PHE A 422 5.29 34.63 30.35
CA PHE A 422 5.51 33.44 29.54
C PHE A 422 4.93 32.21 30.17
N ARG A 423 4.75 31.18 29.35
CA ARG A 423 4.22 29.91 29.81
C ARG A 423 5.16 28.88 29.19
N LEU A 424 5.68 27.96 30.00
CA LEU A 424 6.57 26.95 29.48
C LEU A 424 5.98 25.56 29.68
N LYS A 425 6.38 24.63 28.84
CA LYS A 425 5.86 23.27 28.92
C LYS A 425 6.95 22.20 29.06
N ALA A 426 6.55 21.10 29.69
CA ALA A 426 7.43 19.97 29.90
C ALA A 426 6.53 18.74 29.86
N ARG A 427 6.78 17.86 28.90
CA ARG A 427 6.00 16.64 28.76
C ARG A 427 6.87 15.42 29.02
N GLY A 428 6.24 14.39 29.57
CA GLY A 428 6.98 13.18 29.88
C GLY A 428 6.01 12.08 30.26
N ARG A 429 6.44 10.85 30.13
CA ARG A 429 5.58 9.74 30.48
C ARG A 429 6.45 8.56 30.85
N ILE A 430 5.93 7.72 31.74
CA ILE A 430 6.65 6.54 32.12
C ILE A 430 5.76 5.35 31.83
N LEU A 431 6.35 4.34 31.21
CA LEU A 431 5.65 3.13 30.86
C LEU A 431 5.20 2.38 32.12
N ARG A 432 3.90 2.12 32.23
CA ARG A 432 3.34 1.38 33.37
C ARG A 432 3.24 -0.11 33.00
N PHE A 433 2.74 -0.36 31.79
CA PHE A 433 2.55 -1.71 31.28
C PHE A 433 2.86 -1.67 29.78
N ASP A 434 3.79 -2.49 29.32
CA ASP A 434 4.18 -2.48 27.91
C ASP A 434 3.15 -3.01 26.94
N GLY A 435 2.21 -3.80 27.42
CA GLY A 435 1.18 -4.35 26.54
C GLY A 435 1.76 -4.87 25.22
N TRP A 436 1.08 -4.55 24.13
CA TRP A 436 1.51 -4.98 22.81
C TRP A 436 2.99 -4.70 22.48
N THR A 437 3.58 -3.68 23.08
CA THR A 437 4.98 -3.40 22.75
C THR A 437 5.93 -4.49 23.23
N LYS A 438 5.41 -5.43 24.01
CA LYS A 438 6.26 -6.53 24.49
C LYS A 438 6.82 -7.34 23.31
N VAL A 439 6.05 -7.48 22.23
CA VAL A 439 6.54 -8.25 21.09
C VAL A 439 7.52 -7.52 20.19
N MET A 440 7.71 -6.23 20.41
CA MET A 440 8.64 -5.46 19.60
C MET A 440 9.99 -5.43 20.31
N PRO A 441 11.08 -5.19 19.57
CA PRO A 441 12.41 -5.17 20.19
C PRO A 441 12.46 -4.29 21.43
N ALA A 442 13.37 -4.64 22.33
CA ALA A 442 13.56 -3.86 23.54
C ALA A 442 14.01 -2.47 23.08
N LEU A 443 13.51 -1.43 23.73
CA LEU A 443 13.87 -0.06 23.39
C LEU A 443 15.27 0.33 23.90
N ILE A 451 12.08 11.91 31.53
CA ILE A 451 11.91 11.65 32.96
C ILE A 451 11.74 12.95 33.75
N LEU A 452 10.53 13.50 33.73
CA LEU A 452 10.25 14.74 34.45
C LEU A 452 10.43 14.56 35.95
N PRO A 453 11.26 15.41 36.57
CA PRO A 453 11.50 15.31 38.01
C PRO A 453 10.22 15.51 38.82
N ALA A 454 10.31 15.29 40.12
CA ALA A 454 9.17 15.46 41.00
C ALA A 454 9.00 16.94 41.27
N VAL A 455 7.76 17.42 41.15
CA VAL A 455 7.48 18.83 41.40
C VAL A 455 5.98 19.06 41.58
N ASN A 456 5.64 19.83 42.61
CA ASN A 456 4.25 20.14 42.93
C ASN A 456 3.83 21.51 42.40
N LYS A 457 2.52 21.70 42.31
CA LYS A 457 1.97 22.96 41.85
C LYS A 457 2.42 24.08 42.78
N GLY A 458 3.01 25.12 42.23
CA GLY A 458 3.45 26.24 43.04
C GLY A 458 4.93 26.23 43.37
N ASP A 459 5.63 25.14 43.06
CA ASP A 459 7.05 25.07 43.34
C ASP A 459 7.83 26.04 42.47
N ALA A 460 8.84 26.65 43.06
CA ALA A 460 9.67 27.60 42.33
C ALA A 460 10.76 26.88 41.57
N LEU A 461 11.00 27.30 40.33
CA LEU A 461 12.04 26.69 39.52
C LEU A 461 13.15 27.73 39.35
N THR A 462 14.39 27.27 39.35
CA THR A 462 15.52 28.17 39.20
C THR A 462 16.03 28.04 37.77
N LEU A 463 16.16 29.17 37.09
CA LEU A 463 16.65 29.15 35.72
C LEU A 463 18.14 28.88 35.71
N VAL A 464 18.57 27.99 34.82
CA VAL A 464 19.98 27.70 34.74
C VAL A 464 20.49 28.24 33.42
N GLU A 465 19.72 28.00 32.37
CA GLU A 465 20.12 28.46 31.05
C GLU A 465 18.94 28.54 30.09
N LEU A 466 19.05 29.43 29.12
CA LEU A 466 18.04 29.60 28.09
C LEU A 466 18.72 29.28 26.78
N THR A 467 18.10 28.42 25.99
CA THR A 467 18.67 28.03 24.71
C THR A 467 17.75 28.32 23.55
N PRO A 468 17.98 29.44 22.85
CA PRO A 468 17.13 29.79 21.70
C PRO A 468 17.66 28.98 20.52
N ALA A 469 16.77 28.51 19.67
CA ALA A 469 17.17 27.71 18.53
C ALA A 469 16.43 28.14 17.27
N GLN A 470 17.18 28.29 16.18
CA GLN A 470 16.59 28.69 14.92
C GLN A 470 16.18 27.46 14.14
N HIS A 471 14.99 27.51 13.58
CA HIS A 471 14.48 26.40 12.78
C HIS A 471 13.93 26.99 11.50
N PHE A 472 13.57 26.12 10.58
CA PHE A 472 13.00 26.54 9.31
C PHE A 472 11.98 25.51 8.90
N THR A 473 10.81 25.96 8.45
CA THR A 473 9.78 25.04 8.00
C THR A 473 10.38 24.30 6.83
N LYS A 474 10.18 22.98 6.78
CA LYS A 474 10.74 22.20 5.70
C LYS A 474 9.68 21.81 4.67
N PRO A 475 10.09 21.64 3.41
CA PRO A 475 9.19 21.27 2.31
C PRO A 475 8.58 19.89 2.48
N PRO A 476 7.43 19.64 1.84
CA PRO A 476 6.75 18.34 1.94
C PRO A 476 7.69 17.19 1.60
N ALA A 477 7.57 16.10 2.35
CA ALA A 477 8.40 14.94 2.13
C ALA A 477 8.23 14.41 0.71
N ARG A 478 9.29 13.81 0.19
CA ARG A 478 9.27 13.23 -1.16
C ARG A 478 8.64 11.86 -1.05
N PHE A 479 7.76 11.53 -2.00
CA PHE A 479 7.14 10.22 -1.96
C PHE A 479 8.21 9.15 -1.94
N SER A 480 7.88 8.02 -1.34
CA SER A 480 8.76 6.87 -1.33
C SER A 480 7.89 5.90 -2.12
N GLU A 481 8.43 4.75 -2.50
CA GLU A 481 7.63 3.80 -3.24
C GLU A 481 6.37 3.45 -2.43
N ALA A 482 6.56 2.96 -1.22
CA ALA A 482 5.46 2.57 -0.35
C ALA A 482 4.61 3.76 0.11
N SER A 483 5.22 4.93 0.17
CA SER A 483 4.52 6.14 0.59
C SER A 483 3.60 6.61 -0.53
N LEU A 484 4.01 6.33 -1.76
CA LEU A 484 3.19 6.73 -2.90
C LEU A 484 1.98 5.80 -2.97
N VAL A 485 2.19 4.54 -2.61
CA VAL A 485 1.09 3.57 -2.62
C VAL A 485 0.06 4.03 -1.61
N LYS A 486 0.55 4.38 -0.42
CA LYS A 486 -0.29 4.87 0.66
C LYS A 486 -1.17 6.02 0.16
N GLU A 487 -0.57 6.92 -0.61
CA GLU A 487 -1.28 8.07 -1.16
C GLU A 487 -2.26 7.59 -2.22
N LEU A 488 -1.83 6.57 -2.96
CA LEU A 488 -2.67 5.99 -4.00
C LEU A 488 -3.91 5.41 -3.36
N GLU A 489 -3.71 4.58 -2.33
CA GLU A 489 -4.82 3.95 -1.63
C GLU A 489 -5.73 5.03 -1.07
N LYS A 490 -5.12 6.00 -0.40
CA LYS A 490 -5.83 7.12 0.19
C LYS A 490 -6.79 7.78 -0.81
N ARG A 491 -6.35 7.87 -2.05
CA ARG A 491 -7.17 8.47 -3.10
C ARG A 491 -8.03 7.45 -3.82
N GLY A 492 -8.01 6.21 -3.33
CA GLY A 492 -8.80 5.16 -3.94
C GLY A 492 -8.38 4.91 -5.39
N ILE A 493 -7.11 5.16 -5.69
CA ILE A 493 -6.58 4.99 -7.04
C ILE A 493 -6.00 3.60 -7.31
N GLY A 494 -5.12 3.13 -6.43
CA GLY A 494 -4.55 1.82 -6.68
C GLY A 494 -5.50 0.68 -6.38
N ARG A 495 -4.92 -0.42 -5.94
CA ARG A 495 -5.65 -1.62 -5.56
C ARG A 495 -4.56 -2.59 -5.13
N PRO A 496 -4.83 -3.38 -4.09
CA PRO A 496 -3.86 -4.35 -3.58
C PRO A 496 -2.99 -5.05 -4.62
N SER A 497 -3.61 -5.60 -5.65
CA SER A 497 -2.85 -6.31 -6.68
C SER A 497 -2.24 -5.46 -7.79
N THR A 498 -2.44 -4.16 -7.76
CA THR A 498 -1.86 -3.31 -8.78
C THR A 498 -0.86 -2.30 -8.22
N TYR A 499 -0.90 -2.08 -6.91
CA TYR A 499 0.01 -1.11 -6.28
C TYR A 499 1.46 -1.27 -6.75
N ALA A 500 1.98 -2.49 -6.58
CA ALA A 500 3.36 -2.81 -6.95
C ALA A 500 3.62 -2.60 -8.43
N SER A 501 2.69 -3.08 -9.26
CA SER A 501 2.83 -2.94 -10.70
C SER A 501 2.87 -1.46 -11.07
N ILE A 502 2.04 -0.66 -10.41
CA ILE A 502 2.01 0.78 -10.67
C ILE A 502 3.38 1.38 -10.34
N ILE A 503 3.89 1.08 -9.15
CA ILE A 503 5.19 1.59 -8.73
C ILE A 503 6.27 1.27 -9.76
N SER A 504 6.42 -0.01 -10.09
CA SER A 504 7.41 -0.41 -11.06
C SER A 504 7.16 0.20 -12.44
N THR A 505 5.95 0.03 -12.95
CA THR A 505 5.60 0.52 -14.28
C THR A 505 5.87 2.00 -14.58
N ILE A 506 5.95 2.83 -13.55
CA ILE A 506 6.22 4.26 -13.80
C ILE A 506 7.70 4.58 -13.63
N GLN A 507 8.48 3.63 -13.12
CA GLN A 507 9.90 3.82 -12.84
C GLN A 507 10.96 3.79 -13.94
N ASP A 508 10.71 3.07 -15.03
CA ASP A 508 11.70 2.97 -16.09
C ASP A 508 11.27 3.65 -17.38
N ARG A 509 10.67 4.83 -17.26
CA ARG A 509 10.17 5.54 -18.43
C ARG A 509 10.45 7.02 -18.44
N GLY A 510 11.63 7.40 -17.97
CA GLY A 510 12.03 8.80 -17.93
C GLY A 510 11.01 9.76 -17.34
N TYR A 511 10.04 9.25 -16.58
CA TYR A 511 9.03 10.12 -15.97
C TYR A 511 9.38 10.45 -14.53
N VAL A 512 9.63 9.41 -13.76
CA VAL A 512 9.99 9.57 -12.36
C VAL A 512 11.09 8.56 -12.04
N ARG A 513 11.84 8.81 -10.97
CA ARG A 513 12.89 7.90 -10.60
C ARG A 513 13.08 7.87 -9.09
N VAL A 514 13.51 6.72 -8.59
CA VAL A 514 13.74 6.58 -7.17
C VAL A 514 15.22 6.81 -6.93
N GLU A 515 15.52 7.78 -6.08
CA GLU A 515 16.89 8.11 -5.75
C GLU A 515 16.97 8.17 -4.23
N ASN A 516 17.74 7.23 -3.67
CA ASN A 516 17.89 7.14 -2.22
C ASN A 516 16.53 6.78 -1.62
N ARG A 517 15.88 5.82 -2.27
CA ARG A 517 14.56 5.32 -1.85
C ARG A 517 13.48 6.38 -1.97
N ARG A 518 13.74 7.44 -2.73
CA ARG A 518 12.77 8.51 -2.87
C ARG A 518 12.47 8.86 -4.32
N PHE A 519 11.23 9.23 -4.58
CA PHE A 519 10.79 9.59 -5.92
C PHE A 519 11.16 11.02 -6.30
N TYR A 520 11.68 11.16 -7.51
CA TYR A 520 12.07 12.43 -8.09
C TYR A 520 11.37 12.45 -9.45
N ALA A 521 10.79 13.59 -9.81
CA ALA A 521 10.11 13.70 -11.08
C ALA A 521 11.07 14.22 -12.13
N GLU A 522 11.23 13.47 -13.22
CA GLU A 522 12.10 13.89 -14.29
C GLU A 522 11.40 14.95 -15.15
N LYS A 523 12.20 15.70 -15.89
CA LYS A 523 11.68 16.75 -16.76
C LYS A 523 10.62 16.17 -17.70
N MET A 524 10.94 15.04 -18.32
CA MET A 524 9.99 14.43 -19.24
C MET A 524 8.70 14.11 -18.48
N GLY A 525 8.84 13.68 -17.24
CA GLY A 525 7.68 13.38 -16.43
C GLY A 525 6.73 14.57 -16.36
N GLU A 526 7.27 15.75 -16.07
CA GLU A 526 6.44 16.94 -15.97
C GLU A 526 5.91 17.35 -17.33
N ILE A 527 6.75 17.29 -18.35
CA ILE A 527 6.36 17.64 -19.70
C ILE A 527 5.17 16.79 -20.14
N VAL A 528 5.24 15.49 -19.89
CA VAL A 528 4.16 14.60 -20.29
C VAL A 528 2.94 14.82 -19.40
N THR A 529 3.16 14.97 -18.10
CA THR A 529 2.07 15.18 -17.16
C THR A 529 1.26 16.42 -17.52
N ASP A 530 1.92 17.49 -17.95
CA ASP A 530 1.17 18.69 -18.32
C ASP A 530 0.36 18.43 -19.59
N ARG A 531 0.99 17.82 -20.59
CA ARG A 531 0.30 17.51 -21.84
C ARG A 531 -0.95 16.68 -21.54
N LEU A 532 -0.80 15.62 -20.76
CA LEU A 532 -1.93 14.75 -20.42
C LEU A 532 -2.99 15.49 -19.57
N GLU A 533 -2.57 16.39 -18.69
CA GLU A 533 -3.53 17.13 -17.88
C GLU A 533 -4.38 18.07 -18.75
N GLU A 534 -3.76 18.59 -19.81
CA GLU A 534 -4.41 19.51 -20.72
C GLU A 534 -5.35 18.89 -21.74
N ASN A 535 -4.96 17.74 -22.28
CA ASN A 535 -5.78 17.08 -23.30
C ASN A 535 -6.45 15.78 -22.89
N PHE A 536 -6.18 15.31 -21.69
CA PHE A 536 -6.79 14.09 -21.17
C PHE A 536 -7.12 14.34 -19.71
N ARG A 537 -7.84 15.43 -19.48
CA ARG A 537 -8.24 15.85 -18.15
C ARG A 537 -8.92 14.75 -17.36
N GLU A 538 -9.98 14.19 -17.94
CA GLU A 538 -10.74 13.15 -17.28
C GLU A 538 -9.83 11.99 -16.89
N LEU A 539 -9.01 11.53 -17.83
CA LEU A 539 -8.11 10.41 -17.58
C LEU A 539 -7.12 10.72 -16.45
N MET A 540 -6.66 11.97 -16.39
CA MET A 540 -5.69 12.39 -15.38
C MET A 540 -6.31 12.82 -14.06
N ASN A 541 -7.62 12.98 -14.03
CA ASN A 541 -8.32 13.39 -12.83
C ASN A 541 -8.31 12.27 -11.79
N TYR A 542 -7.97 12.61 -10.54
CA TYR A 542 -7.92 11.62 -9.46
C TYR A 542 -9.30 10.99 -9.13
N ASP A 543 -10.31 11.82 -8.95
CA ASP A 543 -11.63 11.29 -8.64
C ASP A 543 -12.09 10.30 -9.72
N PHE A 544 -12.07 10.74 -10.98
CA PHE A 544 -12.47 9.87 -12.08
C PHE A 544 -11.69 8.56 -12.10
N THR A 545 -10.40 8.63 -11.76
CA THR A 545 -9.58 7.44 -11.73
C THR A 545 -10.03 6.55 -10.57
N ALA A 546 -10.36 7.17 -9.43
CA ALA A 546 -10.83 6.41 -8.27
C ALA A 546 -12.17 5.81 -8.62
N GLN A 547 -12.98 6.59 -9.33
CA GLN A 547 -14.32 6.18 -9.74
C GLN A 547 -14.26 4.97 -10.70
N MET A 548 -13.21 4.91 -11.52
CA MET A 548 -13.08 3.79 -12.45
C MET A 548 -12.82 2.51 -11.67
N GLU A 549 -12.09 2.63 -10.56
CA GLU A 549 -11.82 1.48 -9.73
C GLU A 549 -13.16 1.02 -9.19
N ASN A 550 -14.02 1.97 -8.83
CA ASN A 550 -15.37 1.65 -8.34
C ASN A 550 -16.14 0.98 -9.48
N SER A 551 -16.08 1.59 -10.67
CA SER A 551 -16.77 1.04 -11.81
C SER A 551 -16.34 -0.41 -12.01
N LEU A 552 -15.05 -0.70 -11.82
CA LEU A 552 -14.56 -2.08 -11.97
C LEU A 552 -15.10 -2.99 -10.86
N ASP A 553 -15.34 -2.43 -9.69
CA ASP A 553 -15.88 -3.19 -8.57
C ASP A 553 -17.36 -3.51 -8.82
N GLN A 554 -18.04 -2.61 -9.49
CA GLN A 554 -19.44 -2.82 -9.80
C GLN A 554 -19.55 -3.95 -10.81
N VAL A 555 -18.58 -4.05 -11.72
CA VAL A 555 -18.57 -5.13 -12.70
C VAL A 555 -18.33 -6.44 -11.95
N ALA A 556 -17.33 -6.46 -11.07
CA ALA A 556 -17.02 -7.66 -10.30
C ALA A 556 -18.20 -8.08 -9.46
N ASN A 557 -19.05 -7.14 -9.08
CA ASN A 557 -20.20 -7.47 -8.26
C ASN A 557 -21.53 -7.48 -8.97
N HIS A 558 -21.50 -7.61 -10.30
CA HIS A 558 -22.71 -7.67 -11.09
C HIS A 558 -23.61 -6.46 -10.92
N GLU A 559 -23.02 -5.28 -10.72
CA GLU A 559 -23.81 -4.07 -10.56
C GLU A 559 -23.59 -3.22 -11.80
N ALA A 560 -22.85 -3.78 -12.74
CA ALA A 560 -22.52 -3.10 -13.99
C ALA A 560 -22.04 -4.16 -14.98
N GLU A 561 -22.28 -3.93 -16.26
CA GLU A 561 -21.87 -4.86 -17.31
C GLU A 561 -20.51 -4.37 -17.87
N TRP A 562 -19.54 -5.26 -17.94
CA TRP A 562 -18.20 -4.85 -18.36
C TRP A 562 -18.09 -4.14 -19.72
N LYS A 563 -18.77 -4.63 -20.75
CA LYS A 563 -18.70 -3.98 -22.05
C LYS A 563 -19.31 -2.58 -22.07
N ALA A 564 -20.41 -2.40 -21.34
CA ALA A 564 -21.06 -1.09 -21.26
C ALA A 564 -20.12 -0.15 -20.49
N VAL A 565 -19.45 -0.68 -19.48
CA VAL A 565 -18.51 0.11 -18.69
C VAL A 565 -17.30 0.50 -19.55
N LEU A 566 -16.84 -0.43 -20.38
CA LEU A 566 -15.72 -0.17 -21.28
C LEU A 566 -16.17 0.78 -22.37
N ASP A 567 -17.42 0.64 -22.82
CA ASP A 567 -17.95 1.51 -23.87
C ASP A 567 -17.95 2.94 -23.37
N HIS A 568 -18.38 3.12 -22.13
CA HIS A 568 -18.44 4.44 -21.55
C HIS A 568 -17.03 5.01 -21.35
N PHE A 569 -16.10 4.16 -20.93
CA PHE A 569 -14.72 4.58 -20.75
C PHE A 569 -14.17 4.98 -22.12
N PHE A 570 -14.36 4.10 -23.11
CA PHE A 570 -13.85 4.37 -24.46
C PHE A 570 -14.48 5.62 -25.06
N SER A 571 -15.74 5.86 -24.74
CA SER A 571 -16.44 7.04 -25.24
C SER A 571 -15.75 8.31 -24.74
N ASP A 572 -15.57 8.41 -23.42
CA ASP A 572 -14.90 9.57 -22.86
C ASP A 572 -13.46 9.64 -23.37
N PHE A 573 -12.86 8.46 -23.54
CA PHE A 573 -11.48 8.39 -24.00
C PHE A 573 -11.24 8.91 -25.41
N THR A 574 -11.99 8.41 -26.38
CA THR A 574 -11.80 8.86 -27.75
C THR A 574 -12.12 10.32 -27.90
N GLN A 575 -13.06 10.81 -27.11
CA GLN A 575 -13.41 12.22 -27.17
C GLN A 575 -12.17 13.02 -26.72
N GLN A 576 -11.50 12.56 -25.68
CA GLN A 576 -10.29 13.24 -25.21
C GLN A 576 -9.22 13.13 -26.28
N LEU A 577 -8.98 11.90 -26.73
CA LEU A 577 -7.97 11.61 -27.75
C LEU A 577 -8.16 12.36 -29.05
N ASP A 578 -9.41 12.44 -29.52
CA ASP A 578 -9.68 13.12 -30.78
C ASP A 578 -9.24 14.58 -30.79
N LYS A 579 -9.51 15.30 -29.70
CA LYS A 579 -9.10 16.69 -29.66
C LYS A 579 -7.60 16.80 -29.38
N ALA A 580 -7.04 15.79 -28.74
CA ALA A 580 -5.61 15.81 -28.43
C ALA A 580 -4.79 15.74 -29.72
N GLU A 581 -5.26 14.96 -30.68
CA GLU A 581 -4.57 14.79 -31.96
C GLU A 581 -4.59 16.01 -32.88
N LYS A 582 -5.51 16.93 -32.63
CA LYS A 582 -5.61 18.13 -33.45
C LYS A 582 -4.43 19.06 -33.19
N ASP A 583 -4.24 20.01 -34.11
CA ASP A 583 -3.15 20.97 -33.95
C ASP A 583 -3.40 21.74 -32.66
N PRO A 584 -2.33 22.25 -32.02
CA PRO A 584 -2.48 23.01 -30.77
C PRO A 584 -3.39 24.21 -30.99
N GLU A 585 -3.41 24.73 -32.22
CA GLU A 585 -4.23 25.89 -32.56
C GLU A 585 -5.72 25.55 -32.51
N GLU A 586 -6.04 24.26 -32.42
CA GLU A 586 -7.43 23.81 -32.34
C GLU A 586 -7.71 23.26 -30.94
N GLY A 587 -6.76 23.45 -30.03
CA GLY A 587 -6.93 22.94 -28.68
C GLY A 587 -6.25 21.59 -28.53
N GLY A 588 -5.54 21.17 -29.58
CA GLY A 588 -4.84 19.90 -29.53
C GLY A 588 -3.61 19.94 -28.66
N MET A 589 -3.02 18.77 -28.40
CA MET A 589 -1.83 18.69 -27.57
C MET A 589 -0.66 19.52 -28.09
N ARG A 590 0.00 20.21 -27.17
CA ARG A 590 1.15 21.04 -27.51
C ARG A 590 2.35 20.17 -27.82
N PRO A 591 3.02 20.44 -28.94
CA PRO A 591 4.19 19.64 -29.27
C PRO A 591 5.29 20.12 -28.34
N ASN A 592 6.18 19.23 -27.92
CA ASN A 592 7.25 19.65 -27.04
C ASN A 592 8.32 20.32 -27.88
N GLN A 593 8.04 21.56 -28.27
CA GLN A 593 8.95 22.36 -29.10
C GLN A 593 9.10 23.73 -28.47
N MET A 594 10.23 24.37 -28.76
CA MET A 594 10.48 25.72 -28.25
C MET A 594 10.87 26.56 -29.46
N VAL A 595 9.85 27.07 -30.15
CA VAL A 595 10.07 27.89 -31.35
C VAL A 595 10.90 29.13 -31.07
N LEU A 596 11.80 29.43 -32.00
CA LEU A 596 12.68 30.59 -31.91
C LEU A 596 11.91 31.89 -32.01
N THR A 597 12.63 32.97 -32.33
CA THR A 597 12.03 34.29 -32.47
C THR A 597 11.17 34.34 -33.73
N SER A 598 11.54 33.54 -34.73
CA SER A 598 10.82 33.49 -35.97
C SER A 598 10.14 32.13 -36.20
#